data_2XS6
#
_entry.id   2XS6
#
_cell.length_a   94.661
_cell.length_b   34.354
_cell.length_c   71.317
_cell.angle_alpha   90.00
_cell.angle_beta   130.88
_cell.angle_gamma   90.00
#
_symmetry.space_group_name_H-M   'C 1 2 1'
#
loop_
_entity.id
_entity.type
_entity.pdbx_description
1 polymer 'PHOSPHATIDYLINOSITOL 3-KINASE REGULATORY SUBUNIT BETA'
2 non-polymer 'CHLORIDE ION'
3 water water
#
_entity_poly.entity_id   1
_entity_poly.type   'polypeptide(L)'
_entity_poly.pdbx_seq_one_letter_code
;MHHHHHHSSGVDLGTENLYFQSMGLTLPDLPEQFSPPDVAPPLLVKLVEAIERTGLDSESHYRPELPAPRTDWSLSDVDQ
WDTAALADGIKSFLLALPAPLVTPEASAEARRALREAAGPVGPALEPPTLPLHRALTLRFLLQHLGRVARRAPALGPAVR
ALGATFGPLLLRAPPPPSSPPPGGAPDGSEPSPDFPALLVEKLLQEHLEEQEVA
;
_entity_poly.pdbx_strand_id   A
#
loop_
_chem_comp.id
_chem_comp.type
_chem_comp.name
_chem_comp.formula
CL non-polymer 'CHLORIDE ION' 'Cl -1'
#
# COMPACT_ATOMS: atom_id res chain seq x y z
N LEU A 25 -14.35 -12.49 -2.30
CA LEU A 25 -13.05 -13.11 -2.72
C LEU A 25 -11.96 -12.72 -1.70
N THR A 26 -12.09 -13.27 -0.49
CA THR A 26 -11.35 -12.76 0.67
C THR A 26 -10.16 -13.63 1.02
N LEU A 27 -8.99 -13.00 1.05
CA LEU A 27 -7.76 -13.66 1.47
C LEU A 27 -7.76 -13.86 2.98
N PRO A 28 -6.85 -14.75 3.47
CA PRO A 28 -6.61 -14.83 4.90
C PRO A 28 -6.13 -13.48 5.45
N ASP A 29 -6.32 -13.28 6.75
CA ASP A 29 -5.78 -12.10 7.39
C ASP A 29 -4.25 -12.17 7.36
N LEU A 30 -3.61 -11.02 7.52
CA LEU A 30 -2.14 -10.92 7.36
C LEU A 30 -1.35 -11.85 8.30
N PRO A 31 -1.81 -12.03 9.56
CA PRO A 31 -1.09 -12.98 10.42
C PRO A 31 -1.12 -14.43 9.90
N GLU A 32 -2.12 -14.78 9.09
CA GLU A 32 -2.22 -16.12 8.52
C GLU A 32 -1.51 -16.24 7.17
N GLN A 33 -1.02 -15.13 6.62
CA GLN A 33 -0.33 -15.13 5.32
C GLN A 33 1.19 -15.27 5.45
N PHE A 34 1.76 -14.71 6.51
CA PHE A 34 3.20 -14.84 6.76
C PHE A 34 3.58 -14.72 8.24
N SER A 35 4.77 -15.20 8.57
CA SER A 35 5.37 -15.02 9.89
C SER A 35 6.84 -14.66 9.72
N PRO A 36 7.40 -13.90 10.69
CA PRO A 36 8.85 -13.73 10.77
C PRO A 36 9.55 -15.09 10.72
N PRO A 37 10.69 -15.18 10.00
CA PRO A 37 11.57 -14.13 9.47
C PRO A 37 11.14 -13.49 8.12
N ASP A 38 9.96 -13.84 7.59
CA ASP A 38 9.43 -13.13 6.42
C ASP A 38 8.90 -11.77 6.88
N VAL A 39 9.07 -10.75 6.04
CA VAL A 39 8.79 -9.37 6.42
C VAL A 39 7.65 -8.74 5.63
N ALA A 40 6.99 -9.55 4.79
CA ALA A 40 5.90 -9.07 3.98
C ALA A 40 5.13 -10.28 3.47
N PRO A 41 3.86 -10.08 3.09
CA PRO A 41 3.08 -11.20 2.53
C PRO A 41 3.62 -11.64 1.18
N PRO A 42 3.91 -12.95 1.01
CA PRO A 42 4.45 -13.47 -0.25
C PRO A 42 3.72 -13.02 -1.51
N LEU A 43 2.40 -12.93 -1.48
CA LEU A 43 1.64 -12.48 -2.65
C LEU A 43 2.02 -11.05 -3.02
N LEU A 44 2.13 -10.18 -2.01
CA LEU A 44 2.53 -8.80 -2.26
C LEU A 44 3.97 -8.74 -2.74
N VAL A 45 4.83 -9.54 -2.13
CA VAL A 45 6.24 -9.60 -2.52
C VAL A 45 6.38 -10.01 -3.98
N LYS A 46 5.63 -11.03 -4.39
CA LYS A 46 5.69 -11.52 -5.77
C LYS A 46 5.25 -10.45 -6.78
N LEU A 47 4.16 -9.75 -6.48
CA LEU A 47 3.65 -8.68 -7.35
C LEU A 47 4.60 -7.49 -7.46
N VAL A 48 5.18 -7.10 -6.32
CA VAL A 48 6.09 -5.95 -6.26
C VAL A 48 7.39 -6.24 -6.99
N GLU A 49 7.97 -7.40 -6.73
CA GLU A 49 9.21 -7.79 -7.39
C GLU A 49 8.99 -7.89 -8.89
N ALA A 50 7.86 -8.49 -9.29
CA ALA A 50 7.50 -8.58 -10.71
C ALA A 50 7.42 -7.19 -11.34
N ILE A 51 6.68 -6.29 -10.70
CA ILE A 51 6.41 -4.98 -11.29
C ILE A 51 7.66 -4.10 -11.33
N GLU A 52 8.57 -4.32 -10.37
CA GLU A 52 9.81 -3.54 -10.31
C GLU A 52 10.93 -4.04 -11.23
N ARG A 53 10.81 -5.27 -11.73
CA ARG A 53 11.71 -5.75 -12.78
C ARG A 53 11.31 -5.16 -14.13
N THR A 54 9.99 -5.03 -14.35
CA THR A 54 9.44 -4.70 -15.65
C THR A 54 8.99 -3.25 -15.81
N GLY A 55 8.16 -2.75 -14.89
CA GLY A 55 7.43 -1.50 -15.13
C GLY A 55 7.34 -0.46 -14.02
N LEU A 56 8.50 -0.01 -13.53
CA LEU A 56 8.51 1.13 -12.61
C LEU A 56 8.24 2.46 -13.34
N ASP A 57 8.54 2.52 -14.63
CA ASP A 57 8.23 3.70 -15.48
C ASP A 57 6.78 3.76 -16.01
N SER A 58 5.86 3.05 -15.37
CA SER A 58 4.48 2.97 -15.82
C SER A 58 3.56 3.96 -15.07
N GLU A 59 2.57 4.51 -15.79
CA GLU A 59 1.50 5.30 -15.16
C GLU A 59 0.43 4.44 -14.44
N SER A 60 0.51 3.12 -14.58
CA SER A 60 -0.54 2.22 -14.07
C SER A 60 -0.68 2.23 -12.56
N HIS A 61 0.43 2.47 -11.86
CA HIS A 61 0.41 2.51 -10.39
C HIS A 61 -0.52 3.61 -9.89
N TYR A 62 -0.62 4.70 -10.65
CA TYR A 62 -1.36 5.91 -10.27
C TYR A 62 -2.87 5.87 -10.55
N ARG A 63 -3.38 4.76 -11.07
CA ARG A 63 -4.79 4.72 -11.50
C ARG A 63 -5.73 4.32 -10.36
N PRO A 64 -6.68 5.20 -9.99
CA PRO A 64 -7.56 4.96 -8.85
C PRO A 64 -8.74 4.00 -9.13
N GLU A 65 -8.95 3.61 -10.39
CA GLU A 65 -10.04 2.70 -10.73
C GLU A 65 -9.79 1.33 -10.07
N LEU A 66 -10.87 0.74 -9.56
CA LEU A 66 -10.80 -0.58 -8.92
C LEU A 66 -10.76 -1.69 -9.98
N PRO A 67 -9.87 -2.69 -9.80
CA PRO A 67 -9.81 -3.78 -10.77
C PRO A 67 -11.04 -4.69 -10.69
N ALA A 68 -11.22 -5.54 -11.70
CA ALA A 68 -12.26 -6.56 -11.64
C ALA A 68 -11.93 -7.47 -10.44
N PRO A 69 -12.95 -7.98 -9.74
CA PRO A 69 -12.66 -8.74 -8.52
C PRO A 69 -11.82 -10.00 -8.80
N ARG A 70 -10.72 -10.19 -8.08
CA ARG A 70 -9.83 -11.33 -8.33
C ARG A 70 -10.25 -12.55 -7.52
N THR A 71 -10.36 -13.69 -8.20
CA THR A 71 -10.67 -14.96 -7.53
C THR A 71 -9.49 -15.94 -7.60
N ASP A 72 -8.60 -15.76 -8.58
CA ASP A 72 -7.42 -16.62 -8.73
C ASP A 72 -6.18 -15.96 -8.11
N TRP A 73 -5.79 -16.42 -6.93
CA TRP A 73 -4.62 -15.88 -6.24
C TRP A 73 -3.41 -16.83 -6.31
N SER A 74 -3.37 -17.70 -7.32
CA SER A 74 -2.24 -18.60 -7.53
C SER A 74 -0.97 -17.85 -7.94
N LEU A 75 -1.11 -16.75 -8.67
CA LEU A 75 0.01 -16.06 -9.29
C LEU A 75 0.89 -17.02 -10.10
N SER A 76 0.28 -18.04 -10.68
CA SER A 76 1.01 -19.12 -11.35
C SER A 76 1.83 -18.64 -12.53
N ASP A 77 1.39 -17.54 -13.16
CA ASP A 77 2.05 -16.97 -14.34
C ASP A 77 2.37 -15.50 -14.13
N VAL A 78 2.55 -15.09 -12.88
CA VAL A 78 2.70 -13.67 -12.54
C VAL A 78 3.86 -12.98 -13.27
N ASP A 79 4.90 -13.74 -13.60
CA ASP A 79 6.07 -13.17 -14.27
C ASP A 79 5.85 -12.91 -15.77
N GLN A 80 4.69 -13.27 -16.30
CA GLN A 80 4.30 -12.95 -17.68
C GLN A 80 3.26 -11.81 -17.76
N TRP A 81 2.81 -11.31 -16.61
CA TRP A 81 1.77 -10.27 -16.55
C TRP A 81 2.30 -8.93 -17.01
N ASP A 82 1.45 -8.16 -17.68
CA ASP A 82 1.76 -6.77 -18.01
C ASP A 82 1.67 -5.89 -16.76
N THR A 83 2.22 -4.68 -16.83
CA THR A 83 2.30 -3.80 -15.67
C THR A 83 0.92 -3.42 -15.12
N ALA A 84 -0.07 -3.29 -16.00
CA ALA A 84 -1.42 -2.96 -15.61
C ALA A 84 -2.01 -4.09 -14.74
N ALA A 85 -1.82 -5.34 -15.18
CA ALA A 85 -2.26 -6.52 -14.42
C ALA A 85 -1.60 -6.59 -13.03
N LEU A 86 -0.31 -6.30 -12.97
CA LEU A 86 0.45 -6.32 -11.72
C LEU A 86 0.00 -5.20 -10.77
N ALA A 87 -0.18 -4.00 -11.32
CA ALA A 87 -0.64 -2.86 -10.53
C ALA A 87 -2.03 -3.18 -9.99
N ASP A 88 -2.88 -3.73 -10.85
CA ASP A 88 -4.21 -4.18 -10.44
C ASP A 88 -4.14 -5.25 -9.36
N GLY A 89 -3.18 -6.15 -9.48
CA GLY A 89 -2.96 -7.18 -8.47
C GLY A 89 -2.67 -6.60 -7.10
N ILE A 90 -1.79 -5.61 -7.04
CA ILE A 90 -1.47 -4.97 -5.78
C ILE A 90 -2.73 -4.33 -5.18
N LYS A 91 -3.51 -3.64 -6.01
CA LYS A 91 -4.76 -3.04 -5.51
C LYS A 91 -5.74 -4.13 -5.05
N SER A 92 -5.87 -5.20 -5.83
CA SER A 92 -6.75 -6.31 -5.45
C SER A 92 -6.34 -6.97 -4.13
N PHE A 93 -5.04 -7.06 -3.89
CA PHE A 93 -4.52 -7.62 -2.63
C PHE A 93 -5.05 -6.83 -1.44
N LEU A 94 -4.95 -5.51 -1.54
CA LEU A 94 -5.40 -4.62 -0.46
C LEU A 94 -6.91 -4.70 -0.21
N LEU A 95 -7.67 -4.84 -1.29
CA LEU A 95 -9.12 -4.96 -1.24
C LEU A 95 -9.60 -6.35 -0.83
N ALA A 96 -8.70 -7.34 -0.94
CA ALA A 96 -9.06 -8.74 -0.62
C ALA A 96 -8.82 -9.11 0.86
N LEU A 97 -8.08 -8.27 1.59
CA LEU A 97 -7.89 -8.49 3.03
C LEU A 97 -9.24 -8.45 3.76
N PRO A 98 -9.42 -9.29 4.81
CA PRO A 98 -10.71 -9.32 5.53
C PRO A 98 -11.07 -7.98 6.19
N ALA A 99 -10.05 -7.21 6.53
CA ALA A 99 -10.23 -5.89 7.08
C ALA A 99 -9.11 -5.01 6.52
N PRO A 100 -9.33 -3.68 6.47
CA PRO A 100 -8.31 -2.77 5.91
C PRO A 100 -6.92 -2.93 6.53
N LEU A 101 -5.90 -2.64 5.74
CA LEU A 101 -4.53 -2.76 6.19
C LEU A 101 -4.29 -1.85 7.39
N VAL A 102 -4.73 -0.60 7.28
CA VAL A 102 -4.66 0.35 8.39
C VAL A 102 -5.92 0.22 9.22
N THR A 103 -5.75 -0.15 10.49
CA THR A 103 -6.86 -0.44 11.39
C THR A 103 -7.55 0.85 11.84
N PRO A 104 -8.82 0.76 12.30
CA PRO A 104 -9.54 1.94 12.79
C PRO A 104 -8.82 2.64 13.93
N GLU A 105 -8.20 1.84 14.81
CA GLU A 105 -7.43 2.35 15.94
C GLU A 105 -6.21 3.14 15.45
N ALA A 106 -5.50 2.56 14.48
CA ALA A 106 -4.33 3.20 13.89
C ALA A 106 -4.72 4.43 13.06
N SER A 107 -5.85 4.34 12.37
CA SER A 107 -6.38 5.46 11.59
CA SER A 107 -6.38 5.46 11.60
C SER A 107 -6.68 6.66 12.49
N ALA A 108 -7.30 6.38 13.64
CA ALA A 108 -7.70 7.42 14.60
C ALA A 108 -6.49 8.06 15.28
N GLU A 109 -5.46 7.25 15.50
CA GLU A 109 -4.21 7.74 16.11
C GLU A 109 -3.38 8.53 15.12
N ALA A 110 -3.43 8.16 13.85
CA ALA A 110 -2.79 8.93 12.78
C ALA A 110 -3.56 10.24 12.60
N ARG A 111 -4.88 10.15 12.58
CA ARG A 111 -5.74 11.32 12.41
C ARG A 111 -5.46 12.37 13.48
N ARG A 112 -5.29 11.92 14.73
CA ARG A 112 -5.00 12.82 15.84
C ARG A 112 -3.62 13.48 15.70
N ALA A 113 -2.63 12.70 15.28
CA ALA A 113 -1.28 13.21 15.04
C ALA A 113 -1.27 14.13 13.82
N LEU A 114 -1.88 13.66 12.73
CA LEU A 114 -1.95 14.41 11.48
C LEU A 114 -2.66 15.75 11.68
N ARG A 115 -3.75 15.74 12.44
CA ARG A 115 -4.47 16.97 12.79
C ARG A 115 -3.57 17.90 13.58
N GLU A 116 -3.08 17.41 14.72
CA GLU A 116 -2.25 18.22 15.62
C GLU A 116 -0.81 18.47 15.12
N ALA A 117 -0.49 18.04 13.90
CA ALA A 117 0.83 18.21 13.29
C ALA A 117 1.66 19.33 13.93
N PRO A 120 4.72 14.32 12.60
CA PRO A 120 5.13 13.03 12.04
C PRO A 120 4.11 11.93 12.32
N VAL A 121 3.40 11.48 11.29
CA VAL A 121 2.38 10.43 11.44
C VAL A 121 2.98 9.02 11.57
N GLY A 122 4.19 8.84 11.06
CA GLY A 122 4.86 7.53 11.01
C GLY A 122 4.70 6.62 12.22
N PRO A 123 5.14 7.09 13.40
CA PRO A 123 5.02 6.34 14.67
C PRO A 123 3.62 5.75 14.94
N ALA A 124 2.59 6.51 14.59
CA ALA A 124 1.21 6.09 14.78
C ALA A 124 0.88 4.79 14.04
N LEU A 125 1.56 4.56 12.93
CA LEU A 125 1.34 3.36 12.12
C LEU A 125 2.43 2.31 12.33
N GLU A 126 2.83 2.14 13.59
CA GLU A 126 3.79 1.11 13.99
C GLU A 126 3.27 0.42 15.26
N PRO A 127 3.79 -0.78 15.56
CA PRO A 127 3.32 -1.51 16.74
C PRO A 127 3.63 -0.78 18.06
N PRO A 128 2.75 -0.90 19.06
CA PRO A 128 1.54 -1.73 19.08
C PRO A 128 0.31 -1.13 18.36
N THR A 129 0.33 0.17 18.06
CA THR A 129 -0.83 0.87 17.49
C THR A 129 -1.33 0.20 16.21
N LEU A 130 -0.42 -0.10 15.30
CA LEU A 130 -0.72 -0.93 14.15
C LEU A 130 -0.02 -2.28 14.36
N PRO A 131 -0.77 -3.41 14.35
CA PRO A 131 -0.14 -4.70 14.66
C PRO A 131 0.99 -5.08 13.69
N LEU A 132 1.93 -5.89 14.19
CA LEU A 132 3.19 -6.20 13.51
C LEU A 132 3.05 -6.52 12.03
N HIS A 133 2.17 -7.46 11.69
CA HIS A 133 2.04 -7.92 10.30
C HIS A 133 1.60 -6.79 9.37
N ARG A 134 0.62 -6.03 9.83
CA ARG A 134 0.13 -4.85 9.10
C ARG A 134 1.20 -3.76 8.93
N ALA A 135 1.98 -3.52 9.98
CA ALA A 135 3.05 -2.51 9.92
C ALA A 135 4.16 -2.90 8.93
N LEU A 136 4.56 -4.16 9.00
CA LEU A 136 5.53 -4.73 8.05
C LEU A 136 5.02 -4.63 6.62
N THR A 137 3.76 -5.00 6.43
CA THR A 137 3.13 -4.93 5.11
C THR A 137 3.06 -3.49 4.61
N LEU A 138 2.68 -2.56 5.48
CA LEU A 138 2.61 -1.15 5.12
C LEU A 138 4.00 -0.62 4.75
N ARG A 139 5.01 -1.01 5.50
CA ARG A 139 6.38 -0.59 5.22
C ARG A 139 6.85 -1.09 3.87
N PHE A 140 6.54 -2.35 3.56
CA PHE A 140 6.94 -2.95 2.29
C PHE A 140 6.28 -2.22 1.11
N LEU A 141 4.99 -1.93 1.26
CA LEU A 141 4.25 -1.18 0.25
C LEU A 141 4.79 0.24 0.07
N LEU A 142 5.08 0.94 1.16
CA LEU A 142 5.57 2.31 1.08
C LEU A 142 6.93 2.35 0.40
N GLN A 143 7.76 1.34 0.63
CA GLN A 143 9.06 1.25 -0.01
C GLN A 143 8.88 1.14 -1.52
N HIS A 144 7.93 0.32 -1.94
CA HIS A 144 7.57 0.17 -3.35
C HIS A 144 7.05 1.50 -3.94
N LEU A 145 6.13 2.14 -3.22
CA LEU A 145 5.53 3.38 -3.69
C LEU A 145 6.55 4.52 -3.75
N GLY A 146 7.55 4.47 -2.87
CA GLY A 146 8.67 5.41 -2.93
C GLY A 146 9.47 5.26 -4.21
N ARG A 147 9.74 4.02 -4.60
CA ARG A 147 10.49 3.74 -5.83
C ARG A 147 9.73 4.20 -7.06
N VAL A 148 8.42 4.02 -7.04
CA VAL A 148 7.55 4.52 -8.11
C VAL A 148 7.60 6.04 -8.16
N ALA A 149 7.39 6.69 -7.01
CA ALA A 149 7.46 8.15 -6.92
C ALA A 149 8.76 8.73 -7.47
N ARG A 150 9.88 8.10 -7.15
CA ARG A 150 11.20 8.60 -7.58
C ARG A 150 11.45 8.42 -9.09
N ARG A 151 10.70 7.54 -9.74
CA ARG A 151 10.78 7.39 -11.20
C ARG A 151 10.02 8.49 -11.93
N ALA A 152 9.10 9.15 -11.24
CA ALA A 152 8.23 10.14 -11.86
C ALA A 152 8.99 11.40 -12.18
N PRO A 153 8.51 12.17 -13.18
CA PRO A 153 9.15 13.43 -13.56
C PRO A 153 9.27 14.46 -12.41
N ALA A 154 8.28 14.47 -11.51
CA ALA A 154 8.29 15.38 -10.36
C ALA A 154 7.79 14.66 -9.10
N LEU A 155 8.63 14.64 -8.07
CA LEU A 155 8.40 13.82 -6.88
C LEU A 155 7.13 14.20 -6.11
N GLY A 156 6.93 15.50 -5.88
CA GLY A 156 5.79 16.01 -5.13
C GLY A 156 4.44 15.62 -5.70
N PRO A 157 4.19 15.95 -6.98
CA PRO A 157 2.97 15.55 -7.70
C PRO A 157 2.73 14.03 -7.70
N ALA A 158 3.80 13.26 -7.85
CA ALA A 158 3.71 11.80 -7.83
C ALA A 158 3.24 11.30 -6.47
N VAL A 159 3.87 11.79 -5.41
CA VAL A 159 3.51 11.43 -4.04
C VAL A 159 2.03 11.74 -3.78
N ARG A 160 1.57 12.89 -4.26
CA ARG A 160 0.16 13.29 -4.14
C ARG A 160 -0.80 12.33 -4.88
N ALA A 161 -0.47 12.01 -6.13
CA ALA A 161 -1.28 11.08 -6.93
C ALA A 161 -1.34 9.67 -6.31
N LEU A 162 -0.22 9.23 -5.74
CA LEU A 162 -0.15 7.90 -5.11
C LEU A 162 -0.97 7.87 -3.81
N GLY A 163 -0.92 8.95 -3.03
CA GLY A 163 -1.81 9.11 -1.87
C GLY A 163 -3.29 9.01 -2.24
N ALA A 164 -3.67 9.66 -3.32
CA ALA A 164 -5.08 9.67 -3.74
C ALA A 164 -5.54 8.27 -4.13
N THR A 165 -4.65 7.51 -4.76
CA THR A 165 -4.94 6.15 -5.21
C THR A 165 -4.96 5.17 -4.05
N PHE A 166 -3.91 5.19 -3.23
CA PHE A 166 -3.72 4.12 -2.23
C PHE A 166 -4.40 4.40 -0.89
N GLY A 167 -4.61 5.67 -0.56
CA GLY A 167 -5.35 6.04 0.64
C GLY A 167 -6.61 5.21 0.87
N PRO A 168 -7.59 5.30 -0.04
CA PRO A 168 -8.84 4.56 0.16
C PRO A 168 -8.67 3.03 0.21
N LEU A 169 -7.67 2.50 -0.49
CA LEU A 169 -7.37 1.07 -0.47
C LEU A 169 -6.85 0.59 0.88
N LEU A 170 -6.11 1.45 1.57
CA LEU A 170 -5.47 1.10 2.84
C LEU A 170 -6.38 1.35 4.05
N LEU A 171 -7.26 2.34 3.97
CA LEU A 171 -8.18 2.66 5.07
C LEU A 171 -9.60 2.15 4.86
N ARG A 172 -10.04 2.10 3.61
CA ARG A 172 -11.45 1.82 3.25
C ARG A 172 -12.41 2.84 3.90
N PRO A 191 -14.13 15.32 10.35
CA PRO A 191 -13.45 14.37 9.46
C PRO A 191 -13.35 14.92 8.03
N SER A 192 -12.14 14.90 7.47
CA SER A 192 -11.91 15.35 6.09
C SER A 192 -12.10 14.17 5.14
N PRO A 193 -12.82 14.39 4.02
CA PRO A 193 -13.04 13.28 3.09
C PRO A 193 -11.78 12.84 2.33
N ASP A 194 -10.72 13.65 2.34
CA ASP A 194 -9.44 13.27 1.73
C ASP A 194 -8.44 12.72 2.75
N PHE A 195 -8.89 12.46 3.97
CA PHE A 195 -7.96 12.06 5.04
C PHE A 195 -7.11 10.85 4.64
N PRO A 196 -7.74 9.78 4.12
CA PRO A 196 -6.93 8.62 3.70
C PRO A 196 -5.80 9.02 2.74
N ALA A 197 -6.12 9.83 1.73
CA ALA A 197 -5.14 10.27 0.76
C ALA A 197 -4.05 11.13 1.42
N LEU A 198 -4.47 12.05 2.30
CA LEU A 198 -3.52 12.92 3.00
C LEU A 198 -2.57 12.14 3.89
N LEU A 199 -3.11 11.13 4.58
CA LEU A 199 -2.31 10.26 5.45
C LEU A 199 -1.21 9.52 4.68
N VAL A 200 -1.59 8.87 3.59
CA VAL A 200 -0.63 8.13 2.76
C VAL A 200 0.36 9.10 2.12
N GLU A 201 -0.14 10.25 1.66
CA GLU A 201 0.74 11.28 1.13
C GLU A 201 1.82 11.65 2.15
N LYS A 202 1.42 11.91 3.40
CA LYS A 202 2.39 12.28 4.43
C LYS A 202 3.32 11.12 4.82
N LEU A 203 2.80 9.90 4.87
CA LEU A 203 3.62 8.72 5.21
C LEU A 203 4.68 8.48 4.14
N LEU A 204 4.30 8.65 2.88
CA LEU A 204 5.23 8.50 1.77
C LEU A 204 6.29 9.63 1.77
N GLN A 205 5.84 10.87 1.98
CA GLN A 205 6.74 12.02 2.17
C GLN A 205 7.80 11.75 3.25
N GLU A 206 7.35 11.27 4.41
CA GLU A 206 8.25 10.92 5.52
C GLU A 206 9.24 9.80 5.16
N HIS A 207 8.75 8.79 4.45
CA HIS A 207 9.62 7.72 3.99
C HIS A 207 10.73 8.25 3.07
N LEU A 208 10.36 9.14 2.15
CA LEU A 208 11.30 9.68 1.18
C LEU A 208 12.35 10.59 1.84
N GLU A 209 11.97 11.28 2.92
CA GLU A 209 12.92 12.13 3.69
C GLU A 209 14.09 11.31 4.22
N GLU A 210 13.76 10.18 4.84
CA GLU A 210 14.71 9.34 5.56
C GLU A 210 15.85 8.86 4.66
CL CL B . -2.04 -7.75 11.61
#